data_7HSU
#
_entry.id   7HSU
#
_cell.length_a   99.195
_cell.length_b   99.179
_cell.length_c   128.544
_cell.angle_alpha   90.00
_cell.angle_beta   90.00
_cell.angle_gamma   90.00
#
_symmetry.space_group_name_H-M   'I 2 2 2'
#
loop_
_entity.id
_entity.type
_entity.pdbx_description
1 polymer 'Oleoyl-acyl carrier protein thioesterase 1, chloroplastic'
2 non-polymer 2-methoxy-N-[(3S)-3-methyl-1,1-dioxo-1lambda~6~-thiolan-3-yl]acetamide
3 non-polymer 'SULFATE ION'
4 water water
#
_entity_poly.entity_id   1
_entity_poly.type   'polypeptide(L)'
_entity_poly.pdbx_seq_one_letter_code
;MGSLTEDGLSYKEKFVVRSYEVGSNKTATVETIANLLQEVGCNHAQSVGFSTDGFATTTTMRKLHLIWVTARMHIEIYKY
PAWGDVVEIETWCQSEGRIGTRRDWILKDSVTGEVTGRATSKWVMMNQDTRRLQKVSDDVRDEYLVFCPQEPRLAFPEEN
NRSLKKIPKLEDPAQYSMIGLKPRRADLDMNQHVNNVTYIGWVLESIPQEIVDTHELQVITLDYRRECQQDDVVDSLTTT
TSEIGGTNGSATSGTQGHNDSQFLHLLRLSGDGQEINRGTTLWRKKPSSHHHHHH
;
_entity_poly.pdbx_strand_id   A,B
#
loop_
_chem_comp.id
_chem_comp.type
_chem_comp.name
_chem_comp.formula
A1BMS non-polymer 2-methoxy-N-[(3S)-3-methyl-1,1-dioxo-1lambda~6~-thiolan-3-yl]acetamide 'C8 H15 N O4 S'
SO4 non-polymer 'SULFATE ION' 'O4 S -2'
#
# COMPACT_ATOMS: atom_id res chain seq x y z
N GLY A 2 9.18 -8.52 -15.60
CA GLY A 2 8.72 -9.91 -15.60
C GLY A 2 8.52 -10.40 -17.01
N SER A 3 8.39 -11.71 -17.19
CA SER A 3 8.32 -12.33 -18.53
C SER A 3 7.48 -13.60 -18.51
N LEU A 4 6.80 -13.89 -19.63
CA LEU A 4 6.34 -15.27 -19.91
C LEU A 4 7.56 -16.20 -19.88
N THR A 5 7.41 -17.40 -19.33
CA THR A 5 8.41 -18.48 -19.39
C THR A 5 8.56 -18.97 -20.83
N GLU A 6 9.54 -19.86 -21.05
CA GLU A 6 9.94 -20.29 -22.42
C GLU A 6 8.71 -20.79 -23.21
N ASP A 7 7.85 -21.61 -22.60
CA ASP A 7 6.70 -22.28 -23.27
C ASP A 7 5.49 -21.34 -23.41
N GLY A 8 5.51 -20.15 -22.78
CA GLY A 8 4.45 -19.13 -22.92
C GLY A 8 3.17 -19.49 -22.16
N LEU A 9 3.23 -20.48 -21.25
CA LEU A 9 2.07 -20.96 -20.44
C LEU A 9 2.17 -20.52 -18.96
N SER A 10 3.16 -19.72 -18.58
CA SER A 10 3.24 -19.18 -17.20
C SER A 10 4.07 -17.89 -17.22
N TYR A 11 4.09 -17.16 -16.11
CA TYR A 11 4.71 -15.81 -16.02
C TYR A 11 5.47 -15.70 -14.70
N LYS A 12 6.66 -15.12 -14.78
CA LYS A 12 7.59 -14.92 -13.64
C LYS A 12 7.97 -13.44 -13.52
N GLU A 13 8.02 -12.97 -12.29
CA GLU A 13 8.47 -11.60 -11.91
C GLU A 13 9.15 -11.64 -10.54
N LYS A 14 10.11 -10.74 -10.38
CA LYS A 14 10.92 -10.56 -9.17
C LYS A 14 10.55 -9.23 -8.53
N PHE A 15 10.49 -9.19 -7.21
CA PHE A 15 10.12 -7.98 -6.42
C PHE A 15 11.15 -7.79 -5.31
N VAL A 16 11.64 -6.58 -5.11
CA VAL A 16 12.47 -6.28 -3.90
C VAL A 16 11.51 -5.85 -2.80
N VAL A 17 11.53 -6.47 -1.63
CA VAL A 17 10.62 -6.12 -0.50
C VAL A 17 10.99 -4.72 0.03
N ARG A 18 10.01 -3.80 0.07
CA ARG A 18 10.18 -2.37 0.45
C ARG A 18 10.03 -2.18 1.97
N SER A 19 10.66 -1.10 2.49
CA SER A 19 10.61 -0.64 3.90
C SER A 19 9.18 -0.68 4.45
N TYR A 20 8.21 -0.13 3.72
CA TYR A 20 6.82 0.12 4.20
C TYR A 20 5.97 -1.15 4.00
N GLU A 21 6.52 -2.17 3.34
CA GLU A 21 5.80 -3.43 3.04
C GLU A 21 5.94 -4.44 4.18
N VAL A 22 6.75 -4.14 5.20
CA VAL A 22 7.11 -5.15 6.24
C VAL A 22 6.47 -4.76 7.56
N GLY A 23 6.22 -5.78 8.39
CA GLY A 23 5.74 -5.69 9.79
C GLY A 23 6.85 -5.67 10.83
N SER A 24 6.48 -6.02 12.07
N SER A 24 6.51 -6.04 12.08
N SER A 24 6.48 -6.02 12.07
CA SER A 24 7.33 -5.96 13.29
CA SER A 24 7.38 -5.89 13.27
CA SER A 24 7.33 -5.96 13.29
C SER A 24 8.57 -6.84 13.15
C SER A 24 8.51 -6.94 13.29
C SER A 24 8.57 -6.84 13.16
N ASN A 25 8.45 -7.96 12.44
CA ASN A 25 9.56 -8.93 12.24
C ASN A 25 10.52 -8.49 11.12
N LYS A 26 10.28 -7.36 10.47
CA LYS A 26 11.02 -6.86 9.28
C LYS A 26 10.88 -7.86 8.12
N THR A 27 9.76 -8.59 8.06
CA THR A 27 9.40 -9.48 6.93
C THR A 27 8.08 -8.98 6.34
N ALA A 28 7.81 -9.35 5.09
CA ALA A 28 6.68 -8.85 4.27
C ALA A 28 5.39 -9.27 4.99
N THR A 29 4.37 -8.40 4.99
CA THR A 29 3.04 -8.75 5.53
C THR A 29 2.37 -9.70 4.54
N VAL A 30 1.38 -10.45 5.01
CA VAL A 30 0.55 -11.31 4.13
C VAL A 30 -0.21 -10.40 3.15
N GLU A 31 -0.56 -9.17 3.56
CA GLU A 31 -1.15 -8.13 2.68
C GLU A 31 -0.14 -7.74 1.58
N THR A 32 1.13 -7.52 1.91
CA THR A 32 2.15 -7.24 0.85
C THR A 32 2.22 -8.45 -0.09
N ILE A 33 2.25 -9.67 0.44
CA ILE A 33 2.30 -10.88 -0.41
C ILE A 33 1.11 -10.86 -1.37
N ALA A 34 -0.12 -10.69 -0.86
CA ALA A 34 -1.37 -10.69 -1.65
C ALA A 34 -1.33 -9.58 -2.73
N ASN A 35 -0.76 -8.40 -2.45
CA ASN A 35 -0.66 -7.31 -3.48
C ASN A 35 0.28 -7.76 -4.61
N LEU A 36 1.40 -8.38 -4.28
CA LEU A 36 2.41 -8.89 -5.25
C LEU A 36 1.78 -9.99 -6.11
N LEU A 37 1.02 -10.91 -5.49
CA LEU A 37 0.28 -11.95 -6.27
C LEU A 37 -0.61 -11.26 -7.32
N GLN A 38 -1.34 -10.23 -6.90
CA GLN A 38 -2.30 -9.51 -7.79
C GLN A 38 -1.48 -8.72 -8.82
N GLU A 39 -0.33 -8.13 -8.45
CA GLU A 39 0.51 -7.40 -9.44
C GLU A 39 1.00 -8.38 -10.52
N VAL A 40 1.55 -9.54 -10.15
CA VAL A 40 2.15 -10.45 -11.17
C VAL A 40 0.99 -11.01 -12.02
N GLY A 41 -0.19 -11.19 -11.43
CA GLY A 41 -1.37 -11.69 -12.15
C GLY A 41 -1.78 -10.70 -13.22
N CYS A 42 -1.74 -9.41 -12.91
CA CYS A 42 -2.09 -8.30 -13.86
C CYS A 42 -1.07 -8.26 -14.99
N ASN A 43 0.21 -8.47 -14.69
CA ASN A 43 1.33 -8.38 -15.68
C ASN A 43 1.19 -9.56 -16.66
N HIS A 44 0.83 -10.75 -16.17
CA HIS A 44 0.57 -11.98 -16.96
C HIS A 44 -0.59 -11.71 -17.92
N ALA A 45 -1.73 -11.22 -17.40
CA ALA A 45 -2.97 -10.96 -18.16
C ALA A 45 -2.64 -10.02 -19.32
N GLN A 46 -1.88 -8.96 -19.06
CA GLN A 46 -1.44 -7.98 -20.09
C GLN A 46 -0.58 -8.65 -21.18
N SER A 47 0.32 -9.54 -20.77
N SER A 47 0.32 -9.55 -20.77
N SER A 47 0.32 -9.54 -20.77
CA SER A 47 1.28 -10.24 -21.67
CA SER A 47 1.29 -10.25 -21.66
CA SER A 47 1.28 -10.24 -21.67
C SER A 47 0.54 -11.20 -22.62
C SER A 47 0.56 -11.24 -22.59
C SER A 47 0.54 -11.20 -22.62
N VAL A 48 -0.60 -11.77 -22.18
CA VAL A 48 -1.41 -12.71 -23.02
C VAL A 48 -2.63 -12.00 -23.64
N GLY A 49 -2.63 -10.67 -23.73
CA GLY A 49 -3.53 -9.87 -24.59
C GLY A 49 -4.91 -9.61 -23.99
N PHE A 50 -5.04 -9.57 -22.66
CA PHE A 50 -6.31 -9.18 -21.99
C PHE A 50 -6.44 -7.66 -22.06
N SER A 51 -7.64 -7.14 -21.79
CA SER A 51 -7.94 -5.68 -21.75
C SER A 51 -6.95 -4.96 -20.82
N THR A 52 -6.62 -3.71 -21.14
CA THR A 52 -5.75 -2.79 -20.34
C THR A 52 -6.58 -1.65 -19.72
N ASP A 53 -7.87 -1.89 -19.47
CA ASP A 53 -8.85 -0.88 -18.98
C ASP A 53 -9.14 -1.12 -17.49
N GLY A 54 -8.33 -1.94 -16.81
CA GLY A 54 -8.52 -2.27 -15.38
C GLY A 54 -9.40 -3.49 -15.13
N PHE A 55 -10.23 -3.95 -16.09
CA PHE A 55 -11.19 -5.06 -15.89
C PHE A 55 -10.57 -6.41 -16.32
N ALA A 56 -9.47 -6.41 -17.07
CA ALA A 56 -8.79 -7.64 -17.57
C ALA A 56 -9.83 -8.62 -18.11
N THR A 57 -10.45 -8.27 -19.24
CA THR A 57 -11.47 -9.08 -19.97
C THR A 57 -10.84 -9.69 -21.24
N THR A 58 -11.40 -10.80 -21.73
CA THR A 58 -11.18 -11.29 -23.12
C THR A 58 -12.14 -10.56 -24.07
N THR A 59 -12.01 -10.82 -25.36
CA THR A 59 -12.83 -10.23 -26.45
C THR A 59 -14.28 -10.63 -26.24
N THR A 60 -14.55 -11.92 -26.02
CA THR A 60 -15.92 -12.44 -25.80
C THR A 60 -16.57 -11.81 -24.56
N MET A 61 -15.79 -11.63 -23.49
N MET A 61 -15.79 -11.63 -23.49
N MET A 61 -15.79 -11.63 -23.49
CA MET A 61 -16.27 -11.07 -22.19
CA MET A 61 -16.27 -11.07 -22.19
CA MET A 61 -16.27 -11.07 -22.19
C MET A 61 -16.72 -9.62 -22.39
C MET A 61 -16.71 -9.62 -22.40
C MET A 61 -16.72 -9.62 -22.39
N ARG A 62 -15.97 -8.83 -23.17
CA ARG A 62 -16.33 -7.41 -23.48
C ARG A 62 -17.66 -7.38 -24.25
N LYS A 63 -17.81 -8.25 -25.26
CA LYS A 63 -19.02 -8.33 -26.13
C LYS A 63 -20.24 -8.61 -25.25
N LEU A 64 -20.13 -9.56 -24.31
CA LEU A 64 -21.26 -10.01 -23.44
C LEU A 64 -21.32 -9.24 -22.12
N HIS A 65 -20.48 -8.24 -21.87
CA HIS A 65 -20.47 -7.42 -20.62
C HIS A 65 -20.22 -8.31 -19.38
N LEU A 66 -19.22 -9.21 -19.47
CA LEU A 66 -18.83 -10.13 -18.37
C LEU A 66 -17.50 -9.69 -17.71
N ILE A 67 -17.35 -10.01 -16.42
CA ILE A 67 -16.10 -9.85 -15.62
C ILE A 67 -15.89 -11.11 -14.77
N TRP A 68 -14.66 -11.34 -14.32
CA TRP A 68 -14.24 -12.34 -13.30
C TRP A 68 -14.33 -11.70 -11.93
N VAL A 69 -14.97 -12.37 -10.96
CA VAL A 69 -14.88 -11.96 -9.53
C VAL A 69 -14.32 -13.14 -8.73
N THR A 70 -13.56 -12.82 -7.69
CA THR A 70 -12.92 -13.82 -6.79
C THR A 70 -14.04 -14.50 -6.03
N ALA A 71 -14.00 -15.82 -5.92
CA ALA A 71 -14.81 -16.63 -4.98
C ALA A 71 -13.97 -16.99 -3.75
N ARG A 72 -12.70 -17.31 -3.94
CA ARG A 72 -11.81 -17.71 -2.83
C ARG A 72 -10.35 -17.39 -3.17
N MET A 73 -9.61 -17.03 -2.11
CA MET A 73 -8.14 -16.84 -2.07
C MET A 73 -7.59 -17.75 -0.95
N HIS A 74 -6.53 -18.51 -1.26
CA HIS A 74 -5.86 -19.40 -0.30
C HIS A 74 -4.35 -19.20 -0.41
N ILE A 75 -3.68 -18.78 0.66
CA ILE A 75 -2.22 -18.51 0.72
C ILE A 75 -1.64 -19.35 1.85
N GLU A 76 -0.55 -20.06 1.57
CA GLU A 76 0.30 -20.72 2.60
C GLU A 76 1.73 -20.18 2.49
N ILE A 77 2.27 -19.60 3.57
CA ILE A 77 3.65 -19.03 3.61
C ILE A 77 4.51 -19.89 4.54
N TYR A 78 5.66 -20.37 4.05
CA TYR A 78 6.69 -21.08 4.85
C TYR A 78 7.69 -20.06 5.41
N LYS A 79 8.08 -19.07 4.59
CA LYS A 79 9.01 -17.99 5.02
C LYS A 79 8.59 -16.68 4.37
N TYR A 80 8.30 -15.68 5.19
CA TYR A 80 8.06 -14.30 4.72
C TYR A 80 9.42 -13.70 4.30
N PRO A 81 9.52 -13.16 3.06
CA PRO A 81 10.78 -12.54 2.63
C PRO A 81 11.11 -11.30 3.49
N ALA A 82 12.39 -11.13 3.85
CA ALA A 82 12.86 -9.94 4.62
C ALA A 82 12.92 -8.71 3.71
N TRP A 83 12.79 -7.54 4.35
CA TRP A 83 13.12 -6.18 3.85
C TRP A 83 14.40 -6.21 3.02
N GLY A 84 14.33 -5.76 1.75
CA GLY A 84 15.47 -5.76 0.82
C GLY A 84 15.73 -7.11 0.15
N ASP A 85 15.08 -8.20 0.57
CA ASP A 85 15.17 -9.52 -0.10
C ASP A 85 14.44 -9.48 -1.45
N VAL A 86 14.87 -10.32 -2.38
CA VAL A 86 14.25 -10.45 -3.73
C VAL A 86 13.40 -11.73 -3.71
N VAL A 87 12.12 -11.65 -4.06
CA VAL A 87 11.21 -12.82 -4.11
C VAL A 87 10.82 -13.03 -5.57
N GLU A 88 10.87 -14.27 -6.05
CA GLU A 88 10.46 -14.58 -7.44
C GLU A 88 9.10 -15.27 -7.36
N ILE A 89 8.12 -14.78 -8.11
CA ILE A 89 6.75 -15.35 -8.11
C ILE A 89 6.42 -15.83 -9.52
N GLU A 90 6.04 -17.11 -9.64
CA GLU A 90 5.56 -17.71 -10.90
C GLU A 90 4.04 -17.90 -10.78
N THR A 91 3.31 -17.61 -11.84
CA THR A 91 1.83 -17.67 -11.84
C THR A 91 1.33 -18.20 -13.19
N TRP A 92 0.19 -18.86 -13.15
CA TRP A 92 -0.47 -19.43 -14.34
C TRP A 92 -1.96 -19.57 -14.04
N CYS A 93 -2.76 -19.76 -15.07
CA CYS A 93 -4.22 -19.90 -14.99
C CYS A 93 -4.61 -21.30 -15.45
N GLN A 94 -5.76 -21.79 -14.97
CA GLN A 94 -6.38 -23.02 -15.54
C GLN A 94 -7.89 -22.81 -15.60
N SER A 95 -8.48 -23.27 -16.69
CA SER A 95 -9.95 -23.43 -16.89
C SER A 95 -10.44 -24.59 -16.05
N GLU A 96 -11.63 -24.48 -15.44
CA GLU A 96 -12.26 -25.56 -14.62
C GLU A 96 -13.68 -25.79 -15.17
N GLY A 97 -13.75 -26.26 -16.43
CA GLY A 97 -14.99 -26.48 -17.18
C GLY A 97 -15.85 -25.22 -17.18
N ARG A 98 -17.13 -25.35 -16.85
CA ARG A 98 -18.11 -24.25 -16.87
C ARG A 98 -18.19 -23.61 -15.47
N ILE A 99 -17.54 -24.20 -14.46
CA ILE A 99 -17.54 -23.69 -13.05
C ILE A 99 -16.92 -22.29 -13.04
N GLY A 100 -15.71 -22.14 -13.58
CA GLY A 100 -14.86 -20.95 -13.38
C GLY A 100 -13.42 -21.20 -13.82
N THR A 101 -12.51 -20.38 -13.33
CA THR A 101 -11.06 -20.44 -13.65
C THR A 101 -10.33 -20.37 -12.32
N ARG A 102 -9.06 -20.78 -12.36
CA ARG A 102 -8.13 -20.81 -11.22
C ARG A 102 -6.88 -20.01 -11.63
N ARG A 103 -6.37 -19.18 -10.72
CA ARG A 103 -5.01 -18.63 -10.86
C ARG A 103 -4.21 -19.19 -9.70
N ASP A 104 -3.02 -19.71 -10.01
CA ASP A 104 -2.08 -20.29 -9.01
C ASP A 104 -0.74 -19.55 -8.99
N TRP A 105 -0.05 -19.57 -7.85
CA TRP A 105 1.23 -18.84 -7.64
C TRP A 105 2.16 -19.72 -6.82
N ILE A 106 3.44 -19.70 -7.17
CA ILE A 106 4.56 -20.23 -6.36
C ILE A 106 5.52 -19.08 -6.05
N LEU A 107 5.93 -18.94 -4.80
CA LEU A 107 6.88 -17.89 -4.35
C LEU A 107 8.20 -18.56 -4.05
N LYS A 108 9.30 -18.06 -4.60
CA LYS A 108 10.65 -18.64 -4.34
C LYS A 108 11.58 -17.56 -3.81
N ASP A 109 12.55 -17.97 -3.00
CA ASP A 109 13.71 -17.14 -2.60
C ASP A 109 14.58 -17.04 -3.85
N SER A 110 14.86 -15.83 -4.33
CA SER A 110 15.65 -15.57 -5.56
C SER A 110 17.05 -16.16 -5.40
N VAL A 111 17.65 -16.02 -4.21
CA VAL A 111 19.08 -16.40 -3.93
C VAL A 111 19.19 -17.93 -3.85
N THR A 112 18.27 -18.60 -3.14
CA THR A 112 18.36 -20.07 -2.87
C THR A 112 17.55 -20.88 -3.89
N GLY A 113 16.49 -20.30 -4.47
CA GLY A 113 15.57 -21.01 -5.38
C GLY A 113 14.61 -21.93 -4.66
N GLU A 114 14.59 -21.93 -3.31
CA GLU A 114 13.64 -22.72 -2.47
C GLU A 114 12.23 -22.07 -2.52
N VAL A 115 11.17 -22.88 -2.52
CA VAL A 115 9.75 -22.44 -2.43
C VAL A 115 9.50 -21.92 -1.01
N THR A 116 9.07 -20.67 -0.89
CA THR A 116 8.78 -20.00 0.41
C THR A 116 7.27 -19.81 0.59
N GLY A 117 6.48 -20.00 -0.46
CA GLY A 117 5.01 -19.95 -0.30
C GLY A 117 4.27 -20.42 -1.54
N ARG A 118 2.98 -20.62 -1.42
CA ARG A 118 2.14 -20.94 -2.59
C ARG A 118 0.73 -20.42 -2.32
N ALA A 119 0.00 -20.14 -3.39
CA ALA A 119 -1.35 -19.56 -3.36
C ALA A 119 -2.16 -20.06 -4.53
N THR A 120 -3.46 -20.06 -4.30
CA THR A 120 -4.48 -20.47 -5.29
C THR A 120 -5.70 -19.58 -5.09
N SER A 121 -6.37 -19.23 -6.17
CA SER A 121 -7.60 -18.40 -6.16
C SER A 121 -8.63 -19.00 -7.13
N LYS A 122 -9.90 -18.97 -6.75
CA LYS A 122 -11.05 -19.34 -7.62
C LYS A 122 -11.79 -18.07 -8.06
N TRP A 123 -12.13 -18.04 -9.35
CA TRP A 123 -12.79 -16.93 -10.05
C TRP A 123 -14.07 -17.49 -10.69
N VAL A 124 -15.18 -16.75 -10.55
CA VAL A 124 -16.49 -17.10 -11.19
C VAL A 124 -16.92 -15.95 -12.12
N MET A 125 -17.65 -16.28 -13.18
CA MET A 125 -18.10 -15.29 -14.18
C MET A 125 -19.31 -14.52 -13.63
N MET A 126 -19.33 -13.20 -13.80
CA MET A 126 -20.45 -12.32 -13.41
C MET A 126 -20.79 -11.36 -14.56
N ASN A 127 -22.08 -11.17 -14.82
CA ASN A 127 -22.57 -10.04 -15.62
C ASN A 127 -22.29 -8.74 -14.84
N GLN A 128 -21.59 -7.82 -15.49
CA GLN A 128 -21.09 -6.54 -14.93
C GLN A 128 -22.27 -5.62 -14.57
N ASP A 129 -23.33 -5.63 -15.38
CA ASP A 129 -24.53 -4.75 -15.27
C ASP A 129 -25.47 -5.27 -14.16
N THR A 130 -25.91 -6.53 -14.26
CA THR A 130 -26.88 -7.18 -13.33
C THR A 130 -26.20 -7.76 -12.09
N ARG A 131 -24.87 -7.93 -12.06
CA ARG A 131 -24.13 -8.56 -10.94
C ARG A 131 -24.60 -10.01 -10.70
N ARG A 132 -25.18 -10.70 -11.69
CA ARG A 132 -25.60 -12.12 -11.57
C ARG A 132 -24.46 -13.04 -12.04
N LEU A 133 -24.12 -14.05 -11.22
CA LEU A 133 -23.08 -15.09 -11.48
C LEU A 133 -23.59 -15.98 -12.61
N GLN A 134 -22.70 -16.54 -13.41
CA GLN A 134 -23.06 -17.50 -14.49
C GLN A 134 -21.92 -18.49 -14.69
N LYS A 135 -22.19 -19.45 -15.57
CA LYS A 135 -21.23 -20.47 -16.06
C LYS A 135 -20.35 -19.87 -17.16
N VAL A 136 -19.22 -20.52 -17.42
CA VAL A 136 -18.23 -20.11 -18.47
C VAL A 136 -18.73 -20.64 -19.83
N SER A 137 -18.86 -19.76 -20.83
CA SER A 137 -19.27 -20.11 -22.22
C SER A 137 -18.15 -20.87 -22.95
N ASP A 138 -18.51 -21.72 -23.90
CA ASP A 138 -17.57 -22.40 -24.83
C ASP A 138 -16.50 -21.45 -25.36
N ASP A 139 -16.90 -20.28 -25.83
CA ASP A 139 -16.00 -19.27 -26.45
C ASP A 139 -14.93 -18.82 -25.44
N VAL A 140 -15.30 -18.64 -24.16
CA VAL A 140 -14.33 -18.18 -23.12
C VAL A 140 -13.34 -19.32 -22.84
N ARG A 141 -13.85 -20.55 -22.71
CA ARG A 141 -13.04 -21.77 -22.49
C ARG A 141 -12.02 -21.90 -23.62
N ASP A 142 -12.37 -21.53 -24.85
CA ASP A 142 -11.46 -21.59 -26.02
C ASP A 142 -10.35 -20.56 -25.86
N GLU A 143 -10.67 -19.33 -25.43
CA GLU A 143 -9.67 -18.26 -25.16
C GLU A 143 -8.64 -18.73 -24.12
N TYR A 144 -9.06 -19.46 -23.10
CA TYR A 144 -8.20 -19.92 -21.98
C TYR A 144 -7.28 -21.05 -22.45
N LEU A 145 -7.72 -21.88 -23.40
CA LEU A 145 -6.86 -22.90 -24.04
C LEU A 145 -5.61 -22.27 -24.68
N VAL A 146 -5.66 -21.04 -25.16
CA VAL A 146 -4.47 -20.53 -25.90
C VAL A 146 -3.33 -20.26 -24.90
N PHE A 147 -3.59 -19.84 -23.66
CA PHE A 147 -2.52 -19.37 -22.73
C PHE A 147 -2.42 -20.20 -21.43
N CYS A 148 -3.20 -21.27 -21.27
CA CYS A 148 -3.18 -22.14 -20.06
C CYS A 148 -2.65 -23.53 -20.40
N PRO A 149 -1.92 -24.17 -19.46
CA PRO A 149 -1.52 -25.57 -19.64
C PRO A 149 -2.76 -26.45 -19.73
N GLN A 150 -2.74 -27.40 -20.65
CA GLN A 150 -3.90 -28.27 -20.93
C GLN A 150 -3.83 -29.52 -20.01
N GLU A 151 -2.64 -29.90 -19.53
CA GLU A 151 -2.51 -30.90 -18.43
C GLU A 151 -2.65 -30.15 -17.11
N PRO A 152 -3.20 -30.78 -16.03
CA PRO A 152 -3.43 -30.08 -14.78
C PRO A 152 -2.08 -29.69 -14.15
N ARG A 153 -1.97 -28.47 -13.61
CA ARG A 153 -0.79 -27.96 -12.86
C ARG A 153 -1.37 -27.25 -11.63
N LEU A 154 -1.21 -27.83 -10.45
CA LEU A 154 -1.82 -27.33 -9.19
C LEU A 154 -0.71 -26.84 -8.26
N ALA A 155 -0.85 -25.65 -7.66
CA ALA A 155 -0.01 -25.22 -6.53
C ALA A 155 -0.27 -26.13 -5.32
N PHE A 156 -1.48 -26.68 -5.21
CA PHE A 156 -1.96 -27.54 -4.10
C PHE A 156 -2.47 -28.85 -4.68
N PRO A 157 -1.56 -29.77 -5.05
CA PRO A 157 -1.96 -31.01 -5.74
C PRO A 157 -2.75 -31.98 -4.84
N GLU A 158 -2.35 -32.12 -3.56
CA GLU A 158 -2.91 -33.08 -2.56
C GLU A 158 -4.44 -33.19 -2.72
N GLU A 159 -4.99 -34.43 -2.80
CA GLU A 159 -6.41 -34.72 -3.20
C GLU A 159 -7.39 -34.31 -2.09
N ASN A 160 -6.94 -34.14 -0.83
CA ASN A 160 -7.79 -33.65 0.30
C ASN A 160 -7.11 -32.47 1.01
N ASN A 161 -6.78 -31.39 0.27
CA ASN A 161 -5.92 -30.28 0.78
C ASN A 161 -6.78 -29.13 1.31
N ARG A 162 -6.19 -28.30 2.18
CA ARG A 162 -6.85 -27.21 2.95
C ARG A 162 -7.54 -26.23 1.98
N SER A 163 -6.94 -25.96 0.81
CA SER A 163 -7.38 -24.91 -0.14
C SER A 163 -8.81 -25.15 -0.62
N LEU A 164 -9.37 -26.35 -0.39
CA LEU A 164 -10.72 -26.76 -0.86
C LEU A 164 -11.68 -27.11 0.31
N LYS A 165 -11.32 -26.81 1.55
CA LYS A 165 -12.19 -27.12 2.72
C LYS A 165 -13.40 -26.19 2.72
N LYS A 166 -14.58 -26.70 3.10
CA LYS A 166 -15.80 -25.89 3.35
C LYS A 166 -15.55 -25.08 4.64
N ILE A 167 -15.94 -23.81 4.66
CA ILE A 167 -15.81 -22.91 5.84
C ILE A 167 -17.19 -22.65 6.44
N PRO A 168 -17.39 -22.97 7.73
CA PRO A 168 -18.66 -22.72 8.40
C PRO A 168 -18.87 -21.22 8.69
N LYS A 169 -20.08 -20.83 9.08
CA LYS A 169 -20.39 -19.40 9.43
C LYS A 169 -20.25 -19.24 10.95
N LEU A 170 -19.46 -18.27 11.39
CA LEU A 170 -19.22 -17.97 12.83
C LEU A 170 -20.56 -17.67 13.49
N GLU A 171 -20.81 -18.19 14.68
CA GLU A 171 -22.07 -17.96 15.42
C GLU A 171 -21.80 -16.94 16.53
N ASP A 172 -22.72 -16.01 16.72
CA ASP A 172 -22.67 -14.98 17.79
C ASP A 172 -22.87 -15.69 19.12
N PRO A 173 -22.21 -15.25 20.22
CA PRO A 173 -21.24 -14.15 20.17
C PRO A 173 -19.84 -14.57 19.67
N ALA A 174 -19.17 -13.72 18.88
CA ALA A 174 -17.75 -13.87 18.51
C ALA A 174 -16.87 -13.72 19.73
N GLN A 175 -15.71 -14.36 19.74
CA GLN A 175 -14.74 -14.23 20.86
C GLN A 175 -14.05 -12.87 20.78
N TYR A 176 -13.72 -12.41 19.58
CA TYR A 176 -13.06 -11.09 19.38
C TYR A 176 -13.78 -10.34 18.25
N SER A 177 -13.65 -9.01 18.23
CA SER A 177 -14.32 -8.15 17.23
C SER A 177 -13.56 -6.84 17.03
N MET A 178 -13.53 -6.34 15.79
CA MET A 178 -13.14 -4.95 15.44
C MET A 178 -14.28 -4.35 14.64
N ILE A 179 -14.90 -3.29 15.16
CA ILE A 179 -16.18 -2.68 14.66
C ILE A 179 -15.88 -1.44 13.83
N GLY A 180 -16.76 -1.10 12.88
CA GLY A 180 -16.80 0.22 12.24
C GLY A 180 -15.60 0.43 11.34
N LEU A 181 -15.09 -0.63 10.69
CA LEU A 181 -14.09 -0.58 9.61
C LEU A 181 -14.68 0.00 8.30
N LYS A 182 -14.06 1.04 7.74
CA LYS A 182 -14.50 1.65 6.46
C LYS A 182 -13.29 1.82 5.55
N PRO A 183 -13.50 1.62 4.25
CA PRO A 183 -12.46 1.82 3.23
C PRO A 183 -12.17 3.32 3.01
N ARG A 184 -10.92 3.69 2.76
CA ARG A 184 -10.53 5.05 2.32
C ARG A 184 -10.10 4.92 0.85
N ARG A 185 -9.76 6.01 0.17
CA ARG A 185 -9.48 5.96 -1.30
C ARG A 185 -8.28 5.03 -1.60
N ALA A 186 -7.26 4.96 -0.75
CA ALA A 186 -6.12 4.03 -0.91
C ALA A 186 -6.57 2.56 -0.90
N ASP A 187 -7.75 2.22 -0.36
CA ASP A 187 -8.32 0.85 -0.37
C ASP A 187 -9.04 0.54 -1.70
N LEU A 188 -9.22 1.51 -2.60
CA LEU A 188 -9.97 1.28 -3.87
C LEU A 188 -8.98 0.97 -5.01
N ASP A 189 -9.41 0.15 -5.98
CA ASP A 189 -8.70 -0.10 -7.26
C ASP A 189 -9.03 1.04 -8.23
N MET A 190 -8.47 0.96 -9.44
CA MET A 190 -8.60 2.02 -10.47
C MET A 190 -10.05 2.09 -10.99
N ASN A 191 -10.93 1.15 -10.62
CA ASN A 191 -12.36 1.18 -11.03
C ASN A 191 -13.26 1.50 -9.84
N GLN A 192 -12.68 1.86 -8.68
CA GLN A 192 -13.38 2.39 -7.47
C GLN A 192 -14.13 1.26 -6.76
N HIS A 193 -13.73 0.02 -6.97
CA HIS A 193 -14.12 -1.13 -6.14
C HIS A 193 -13.07 -1.33 -5.04
N VAL A 194 -13.50 -1.81 -3.88
CA VAL A 194 -12.55 -2.12 -2.76
C VAL A 194 -11.58 -3.21 -3.26
N ASN A 195 -10.29 -3.01 -3.06
CA ASN A 195 -9.20 -3.97 -3.41
C ASN A 195 -9.45 -5.26 -2.63
N ASN A 196 -9.43 -6.41 -3.30
CA ASN A 196 -9.58 -7.73 -2.66
C ASN A 196 -8.63 -7.90 -1.46
N VAL A 197 -7.47 -7.22 -1.45
CA VAL A 197 -6.45 -7.37 -0.36
C VAL A 197 -6.97 -6.67 0.90
N THR A 198 -7.75 -5.61 0.72
CA THR A 198 -8.38 -4.88 1.87
C THR A 198 -9.11 -5.89 2.77
N TYR A 199 -9.84 -6.83 2.19
CA TYR A 199 -10.69 -7.75 3.00
C TYR A 199 -9.78 -8.64 3.87
N ILE A 200 -8.57 -8.99 3.36
CA ILE A 200 -7.56 -9.74 4.17
C ILE A 200 -7.20 -8.91 5.40
N GLY A 201 -6.86 -7.63 5.23
CA GLY A 201 -6.49 -6.74 6.36
C GLY A 201 -7.57 -6.66 7.42
N TRP A 202 -8.81 -6.45 6.98
CA TRP A 202 -10.02 -6.35 7.83
C TRP A 202 -10.22 -7.64 8.65
N VAL A 203 -10.11 -8.83 8.06
CA VAL A 203 -10.23 -10.14 8.78
C VAL A 203 -9.18 -10.16 9.90
N LEU A 204 -7.94 -9.77 9.59
CA LEU A 204 -6.80 -9.91 10.53
C LEU A 204 -6.92 -8.89 11.67
N GLU A 205 -7.69 -7.80 11.47
CA GLU A 205 -7.85 -6.73 12.47
C GLU A 205 -8.47 -7.27 13.76
N SER A 206 -9.28 -8.32 13.69
CA SER A 206 -9.92 -8.90 14.90
C SER A 206 -9.06 -9.99 15.57
N ILE A 207 -7.85 -10.27 15.06
CA ILE A 207 -6.88 -11.19 15.73
C ILE A 207 -6.24 -10.40 16.85
N PRO A 208 -6.18 -10.93 18.08
CA PRO A 208 -5.56 -10.19 19.17
C PRO A 208 -4.07 -9.89 18.85
N GLN A 209 -3.60 -8.70 19.23
CA GLN A 209 -2.21 -8.23 18.97
C GLN A 209 -1.19 -9.23 19.55
N GLU A 210 -1.55 -9.90 20.65
CA GLU A 210 -0.69 -10.90 21.33
C GLU A 210 -0.41 -12.11 20.42
N ILE A 211 -1.41 -12.57 19.65
CA ILE A 211 -1.21 -13.66 18.64
C ILE A 211 -0.16 -13.17 17.64
N VAL A 212 -0.43 -12.04 16.99
CA VAL A 212 0.46 -11.48 15.94
C VAL A 212 1.89 -11.35 16.46
N ASP A 213 2.04 -10.97 17.75
CA ASP A 213 3.35 -10.68 18.38
C ASP A 213 4.13 -11.98 18.64
N THR A 214 3.44 -13.11 18.83
CA THR A 214 4.06 -14.38 19.25
C THR A 214 3.87 -15.49 18.20
N HIS A 215 3.07 -15.27 17.16
CA HIS A 215 2.83 -16.29 16.11
C HIS A 215 3.18 -15.73 14.72
N GLU A 216 3.51 -16.62 13.80
CA GLU A 216 3.56 -16.28 12.34
C GLU A 216 2.32 -16.88 11.68
N LEU A 217 1.63 -16.11 10.83
CA LEU A 217 0.53 -16.64 9.98
C LEU A 217 1.09 -17.67 8.97
N GLN A 218 0.62 -18.93 9.01
CA GLN A 218 1.01 -20.00 8.05
C GLN A 218 0.02 -20.14 6.88
N VAL A 219 -1.28 -20.13 7.16
CA VAL A 219 -2.35 -20.39 6.15
C VAL A 219 -3.50 -19.39 6.40
N ILE A 220 -4.01 -18.77 5.32
CA ILE A 220 -5.29 -18.00 5.30
C ILE A 220 -6.15 -18.50 4.13
N THR A 221 -7.41 -18.83 4.41
CA THR A 221 -8.42 -19.20 3.39
C THR A 221 -9.56 -18.20 3.50
N LEU A 222 -9.83 -17.42 2.46
CA LEU A 222 -10.89 -16.38 2.50
C LEU A 222 -11.89 -16.61 1.36
N ASP A 223 -13.17 -16.87 1.68
CA ASP A 223 -14.33 -16.87 0.74
C ASP A 223 -14.87 -15.44 0.60
N TYR A 224 -15.21 -15.05 -0.62
CA TYR A 224 -15.74 -13.72 -1.00
C TYR A 224 -17.19 -13.93 -1.41
N ARG A 225 -18.12 -13.27 -0.72
CA ARG A 225 -19.58 -13.54 -0.85
C ARG A 225 -20.26 -12.35 -1.51
N ARG A 226 -19.89 -11.14 -1.10
CA ARG A 226 -20.48 -9.86 -1.54
C ARG A 226 -19.40 -8.79 -1.40
N GLU A 227 -19.40 -7.82 -2.29
CA GLU A 227 -18.35 -6.76 -2.26
C GLU A 227 -18.80 -5.70 -1.25
N CYS A 228 -17.86 -5.10 -0.51
CA CYS A 228 -18.03 -3.87 0.29
C CYS A 228 -18.03 -2.67 -0.67
N GLN A 229 -19.07 -1.84 -0.61
CA GLN A 229 -19.15 -0.60 -1.42
C GLN A 229 -18.28 0.43 -0.72
N GLN A 230 -17.94 1.49 -1.44
CA GLN A 230 -17.11 2.62 -0.93
C GLN A 230 -17.76 3.21 0.34
N ASP A 231 -19.08 3.18 0.48
CA ASP A 231 -19.81 3.87 1.57
C ASP A 231 -20.35 2.88 2.62
N ASP A 232 -19.92 1.61 2.56
CA ASP A 232 -20.31 0.56 3.53
C ASP A 232 -19.36 0.63 4.72
N VAL A 233 -19.80 0.09 5.86
CA VAL A 233 -19.06 -0.05 7.13
C VAL A 233 -19.07 -1.53 7.52
N VAL A 234 -17.91 -2.04 7.96
CA VAL A 234 -17.67 -3.50 8.13
C VAL A 234 -17.35 -3.79 9.60
N ASP A 235 -17.88 -4.90 10.09
CA ASP A 235 -17.47 -5.53 11.37
C ASP A 235 -16.73 -6.84 11.07
N SER A 236 -15.60 -7.00 11.72
CA SER A 236 -14.68 -8.15 11.61
C SER A 236 -14.79 -8.97 12.90
N LEU A 237 -15.18 -10.23 12.78
CA LEU A 237 -15.42 -11.13 13.93
C LEU A 237 -14.48 -12.34 13.81
N THR A 238 -13.99 -12.85 14.93
CA THR A 238 -12.99 -13.94 15.06
C THR A 238 -13.30 -14.77 16.32
N THR A 239 -13.28 -16.09 16.19
CA THR A 239 -13.36 -17.08 17.30
C THR A 239 -12.23 -18.10 17.15
N THR A 240 -11.54 -18.42 18.26
CA THR A 240 -10.49 -19.47 18.31
C THR A 240 -11.19 -20.82 18.12
N THR A 241 -10.81 -21.60 17.12
CA THR A 241 -11.30 -23.00 16.94
C THR A 241 -10.27 -24.02 17.43
N SER A 242 -9.04 -23.62 17.74
CA SER A 242 -8.01 -24.52 18.32
C SER A 242 -8.16 -24.54 19.86
N ASN A 259 0.26 -26.33 19.91
CA ASN A 259 1.28 -25.29 19.61
C ASN A 259 0.84 -24.43 18.41
N ASP A 260 -0.11 -24.92 17.59
CA ASP A 260 -0.71 -24.17 16.46
C ASP A 260 -2.00 -23.51 16.91
N SER A 261 -2.22 -22.25 16.55
CA SER A 261 -3.51 -21.52 16.77
C SER A 261 -4.31 -21.49 15.46
N GLN A 262 -5.62 -21.80 15.54
CA GLN A 262 -6.58 -21.72 14.42
C GLN A 262 -7.76 -20.81 14.81
N PHE A 263 -8.28 -20.04 13.86
CA PHE A 263 -9.36 -19.05 14.03
C PHE A 263 -10.38 -19.20 12.90
N LEU A 264 -11.66 -18.98 13.27
CA LEU A 264 -12.78 -18.77 12.32
C LEU A 264 -13.06 -17.27 12.24
N HIS A 265 -13.34 -16.77 11.02
CA HIS A 265 -13.47 -15.33 10.69
C HIS A 265 -14.81 -15.09 9.98
N LEU A 266 -15.48 -13.97 10.32
CA LEU A 266 -16.65 -13.41 9.57
C LEU A 266 -16.46 -11.89 9.40
N LEU A 267 -16.56 -11.39 8.17
CA LEU A 267 -16.82 -9.95 7.88
C LEU A 267 -18.30 -9.81 7.51
N ARG A 268 -18.96 -8.80 8.07
CA ARG A 268 -20.40 -8.53 7.85
C ARG A 268 -20.61 -7.02 7.91
N LEU A 269 -21.66 -6.53 7.26
CA LEU A 269 -21.97 -5.09 7.23
C LEU A 269 -22.38 -4.64 8.62
N SER A 270 -21.94 -3.47 9.07
CA SER A 270 -22.08 -2.98 10.48
C SER A 270 -23.57 -2.84 10.85
N GLY A 271 -24.42 -2.47 9.89
CA GLY A 271 -25.85 -2.24 10.13
C GLY A 271 -26.62 -3.54 10.21
N ASP A 272 -27.01 -4.06 9.03
CA ASP A 272 -27.96 -5.20 8.90
C ASP A 272 -27.26 -6.56 9.04
N GLY A 273 -25.94 -6.63 9.19
CA GLY A 273 -25.20 -7.88 9.44
C GLY A 273 -25.14 -8.81 8.23
N GLN A 274 -25.37 -8.29 7.03
CA GLN A 274 -25.14 -9.01 5.74
C GLN A 274 -23.68 -9.52 5.64
N GLU A 275 -23.46 -10.83 5.46
CA GLU A 275 -22.10 -11.44 5.26
C GLU A 275 -21.43 -10.87 4.01
N ILE A 276 -20.18 -10.41 4.11
CA ILE A 276 -19.35 -10.11 2.91
C ILE A 276 -18.24 -11.15 2.72
N ASN A 277 -17.66 -11.72 3.80
CA ASN A 277 -16.61 -12.76 3.69
C ASN A 277 -16.66 -13.68 4.90
N ARG A 278 -16.16 -14.91 4.73
CA ARG A 278 -15.79 -15.81 5.86
C ARG A 278 -14.41 -16.42 5.57
N GLY A 279 -13.67 -16.82 6.62
CA GLY A 279 -12.33 -17.41 6.39
C GLY A 279 -11.82 -18.18 7.59
N THR A 280 -10.67 -18.81 7.43
CA THR A 280 -9.86 -19.47 8.49
C THR A 280 -8.43 -18.98 8.40
N THR A 281 -7.75 -18.90 9.55
CA THR A 281 -6.28 -18.71 9.64
C THR A 281 -5.72 -19.81 10.54
N LEU A 282 -4.50 -20.23 10.23
CA LEU A 282 -3.66 -21.17 11.01
C LEU A 282 -2.37 -20.43 11.34
N TRP A 283 -1.97 -20.41 12.61
CA TRP A 283 -0.78 -19.67 13.07
C TRP A 283 0.11 -20.66 13.84
N ARG A 284 1.43 -20.61 13.65
CA ARG A 284 2.36 -21.39 14.51
C ARG A 284 3.19 -20.43 15.36
N LYS A 285 3.45 -20.78 16.61
CA LYS A 285 4.28 -20.01 17.56
C LYS A 285 5.69 -19.90 16.96
N LYS A 286 6.35 -18.75 17.17
CA LYS A 286 7.70 -18.46 16.61
C LYS A 286 8.75 -19.31 17.34
N GLY B 2 18.73 0.80 -7.20
CA GLY B 2 19.12 2.03 -6.51
C GLY B 2 20.63 2.13 -6.37
N SER B 3 21.20 3.32 -6.63
CA SER B 3 22.64 3.58 -6.41
C SER B 3 22.89 5.03 -5.94
N LEU B 4 23.88 5.22 -5.07
CA LEU B 4 24.55 6.54 -4.93
C LEU B 4 24.99 6.99 -6.32
N THR B 5 24.92 8.27 -6.62
CA THR B 5 25.49 8.93 -7.82
C THR B 5 27.01 8.94 -7.71
N GLU B 6 27.66 9.34 -8.80
CA GLU B 6 29.13 9.41 -9.01
C GLU B 6 29.81 9.99 -7.77
N ASP B 7 29.36 11.18 -7.31
CA ASP B 7 30.04 11.98 -6.24
C ASP B 7 29.70 11.46 -4.84
N GLY B 8 28.77 10.50 -4.71
CA GLY B 8 28.34 9.92 -3.41
C GLY B 8 27.48 10.87 -2.57
N LEU B 9 26.95 11.96 -3.14
CA LEU B 9 26.22 13.01 -2.35
C LEU B 9 24.69 13.02 -2.63
N SER B 10 24.21 12.08 -3.45
CA SER B 10 22.76 11.88 -3.74
C SER B 10 22.55 10.42 -4.13
N TYR B 11 21.28 10.02 -4.28
CA TYR B 11 20.89 8.60 -4.53
C TYR B 11 19.71 8.59 -5.50
N LYS B 12 19.75 7.64 -6.43
CA LYS B 12 18.76 7.48 -7.51
C LYS B 12 18.22 6.05 -7.51
N GLU B 13 16.92 5.92 -7.71
CA GLU B 13 16.22 4.63 -7.85
C GLU B 13 15.10 4.78 -8.89
N LYS B 14 14.83 3.69 -9.59
CA LYS B 14 13.77 3.55 -10.61
C LYS B 14 12.68 2.64 -10.04
N PHE B 15 11.42 2.97 -10.31
CA PHE B 15 10.23 2.25 -9.80
C PHE B 15 9.24 2.06 -10.97
N VAL B 16 8.75 0.85 -11.17
CA VAL B 16 7.67 0.58 -12.16
C VAL B 16 6.34 0.78 -11.43
N VAL B 17 5.47 1.67 -11.89
CA VAL B 17 4.15 1.92 -11.23
C VAL B 17 3.25 0.67 -11.33
N ARG B 18 2.81 0.14 -10.18
CA ARG B 18 2.04 -1.12 -10.08
C ARG B 18 0.52 -0.88 -10.22
N SER B 19 -0.23 -1.93 -10.57
CA SER B 19 -1.68 -1.97 -10.81
C SER B 19 -2.43 -1.31 -9.64
N TYR B 20 -2.08 -1.67 -8.41
CA TYR B 20 -2.81 -1.31 -7.16
C TYR B 20 -2.34 0.06 -6.65
N GLU B 21 -1.39 0.67 -7.34
CA GLU B 21 -0.74 1.94 -6.94
C GLU B 21 -1.49 3.12 -7.56
N VAL B 22 -2.36 2.88 -8.54
CA VAL B 22 -2.99 3.93 -9.40
C VAL B 22 -4.45 4.14 -9.00
N GLY B 23 -4.95 5.37 -9.18
CA GLY B 23 -6.37 5.75 -9.05
C GLY B 23 -7.12 5.68 -10.37
N SER B 24 -8.20 6.46 -10.52
CA SER B 24 -9.22 6.22 -11.59
C SER B 24 -8.76 6.74 -12.97
N ASN B 25 -7.76 7.63 -13.08
CA ASN B 25 -7.17 7.97 -14.41
C ASN B 25 -5.94 7.09 -14.69
N LYS B 26 -5.79 5.96 -13.96
CA LYS B 26 -4.72 4.97 -14.18
C LYS B 26 -3.34 5.61 -14.06
N THR B 27 -3.19 6.63 -13.20
CA THR B 27 -1.88 7.22 -12.84
C THR B 27 -1.72 7.10 -11.32
N ALA B 28 -0.47 7.17 -10.84
CA ALA B 28 -0.08 6.90 -9.45
C ALA B 28 -0.80 7.89 -8.52
N THR B 29 -1.27 7.43 -7.36
CA THR B 29 -1.88 8.31 -6.32
C THR B 29 -0.78 9.14 -5.68
N VAL B 30 -1.12 10.26 -5.04
CA VAL B 30 -0.10 11.07 -4.29
C VAL B 30 0.42 10.21 -3.13
N GLU B 31 -0.40 9.31 -2.59
CA GLU B 31 0.03 8.32 -1.58
C GLU B 31 1.11 7.37 -2.13
N THR B 32 0.93 6.82 -3.32
CA THR B 32 1.96 5.99 -3.99
C THR B 32 3.24 6.82 -4.12
N ILE B 33 3.17 8.03 -4.67
CA ILE B 33 4.34 8.95 -4.78
C ILE B 33 5.01 9.05 -3.39
N ALA B 34 4.26 9.34 -2.33
CA ALA B 34 4.79 9.55 -0.96
C ALA B 34 5.49 8.28 -0.42
N ASN B 35 4.93 7.10 -0.70
CA ASN B 35 5.55 5.79 -0.32
C ASN B 35 6.88 5.62 -1.07
N LEU B 36 6.94 5.96 -2.35
CA LEU B 36 8.17 5.86 -3.18
C LEU B 36 9.24 6.83 -2.66
N LEU B 37 8.87 8.07 -2.33
CA LEU B 37 9.81 9.04 -1.68
C LEU B 37 10.38 8.40 -0.41
N GLN B 38 9.54 7.83 0.47
CA GLN B 38 10.00 7.21 1.74
C GLN B 38 10.96 6.06 1.43
N GLU B 39 10.65 5.24 0.39
CA GLU B 39 11.43 4.02 0.07
C GLU B 39 12.81 4.42 -0.46
N VAL B 40 12.92 5.36 -1.38
CA VAL B 40 14.25 5.79 -1.89
C VAL B 40 15.01 6.45 -0.72
N GLY B 41 14.31 7.18 0.14
CA GLY B 41 14.91 7.75 1.36
C GLY B 41 15.57 6.68 2.24
N CYS B 42 14.87 5.59 2.55
CA CYS B 42 15.44 4.46 3.35
C CYS B 42 16.61 3.83 2.58
N ASN B 43 16.52 3.72 1.24
CA ASN B 43 17.59 3.03 0.47
C ASN B 43 18.85 3.91 0.56
N HIS B 44 18.74 5.22 0.39
CA HIS B 44 19.87 6.17 0.56
C HIS B 44 20.48 6.07 1.97
N ALA B 45 19.68 6.15 3.04
CA ALA B 45 20.14 6.08 4.46
C ALA B 45 20.99 4.81 4.68
N GLN B 46 20.48 3.68 4.23
CA GLN B 46 21.17 2.36 4.25
C GLN B 46 22.53 2.43 3.50
N SER B 47 22.59 3.02 2.31
CA SER B 47 23.83 3.12 1.51
C SER B 47 24.89 4.00 2.20
N VAL B 48 24.53 4.94 3.08
CA VAL B 48 25.51 5.84 3.78
C VAL B 48 25.64 5.46 5.27
N GLY B 49 25.41 4.19 5.61
CA GLY B 49 25.76 3.58 6.91
C GLY B 49 24.86 3.99 8.06
N PHE B 50 23.57 4.25 7.83
CA PHE B 50 22.59 4.51 8.94
C PHE B 50 22.10 3.15 9.48
N SER B 51 21.54 3.14 10.69
CA SER B 51 20.97 1.93 11.34
C SER B 51 20.03 1.20 10.37
N THR B 52 19.97 -0.13 10.45
CA THR B 52 19.07 -1.02 9.66
C THR B 52 17.91 -1.58 10.50
N ASP B 53 17.62 -0.95 11.65
CA ASP B 53 16.62 -1.40 12.66
C ASP B 53 15.29 -0.67 12.47
N GLY B 54 15.12 0.06 11.37
CA GLY B 54 13.88 0.80 11.07
C GLY B 54 13.81 2.18 11.70
N PHE B 55 14.74 2.58 12.57
CA PHE B 55 14.80 3.95 13.16
C PHE B 55 15.75 4.85 12.34
N ALA B 56 16.59 4.28 11.48
CA ALA B 56 17.57 4.99 10.61
C ALA B 56 18.21 6.15 11.40
N THR B 57 19.11 5.78 12.33
CA THR B 57 19.86 6.66 13.26
C THR B 57 21.35 6.67 12.90
N THR B 58 22.06 7.72 13.30
CA THR B 58 23.55 7.77 13.25
C THR B 58 24.10 7.13 14.52
N THR B 59 25.42 7.00 14.61
CA THR B 59 26.12 6.41 15.79
C THR B 59 25.85 7.28 17.02
N THR B 60 26.03 8.60 16.92
CA THR B 60 25.83 9.46 18.11
C THR B 60 24.32 9.54 18.45
N MET B 61 23.41 9.41 17.47
CA MET B 61 21.95 9.40 17.80
C MET B 61 21.61 8.18 18.67
N ARG B 62 22.13 6.99 18.36
CA ARG B 62 21.90 5.76 19.17
C ARG B 62 22.43 5.99 20.59
N LYS B 63 23.64 6.55 20.72
CA LYS B 63 24.29 6.80 22.03
C LYS B 63 23.34 7.64 22.88
N LEU B 64 22.72 8.64 22.27
CA LEU B 64 21.95 9.70 22.98
C LEU B 64 20.44 9.39 22.95
N HIS B 65 20.00 8.23 22.46
CA HIS B 65 18.56 7.83 22.36
C HIS B 65 17.77 8.91 21.60
N LEU B 66 18.29 9.36 20.45
CA LEU B 66 17.69 10.39 19.56
C LEU B 66 17.11 9.75 18.29
N ILE B 67 16.04 10.34 17.72
CA ILE B 67 15.40 9.99 16.42
C ILE B 67 15.02 11.28 15.69
N TRP B 68 14.95 11.22 14.36
CA TRP B 68 14.38 12.25 13.46
C TRP B 68 12.86 12.04 13.40
N VAL B 69 12.04 13.09 13.60
CA VAL B 69 10.58 13.06 13.28
C VAL B 69 10.28 14.14 12.25
N THR B 70 9.30 13.87 11.39
CA THR B 70 8.88 14.80 10.30
C THR B 70 8.24 16.02 10.96
N ALA B 71 8.59 17.23 10.55
CA ALA B 71 7.86 18.46 10.87
C ALA B 71 6.93 18.85 9.70
N ARG B 72 7.36 18.65 8.45
CA ARG B 72 6.64 19.13 7.25
C ARG B 72 7.03 18.25 6.05
N MET B 73 6.03 17.91 5.23
CA MET B 73 6.17 17.28 3.89
C MET B 73 5.48 18.20 2.84
N HIS B 74 6.18 18.52 1.75
CA HIS B 74 5.69 19.38 0.66
C HIS B 74 5.98 18.68 -0.67
N ILE B 75 4.95 18.37 -1.45
CA ILE B 75 5.03 17.66 -2.76
C ILE B 75 4.30 18.49 -3.82
N GLU B 76 4.97 18.73 -4.95
N GLU B 76 4.97 18.74 -4.96
N GLU B 76 4.97 18.74 -4.95
CA GLU B 76 4.37 19.33 -6.18
CA GLU B 76 4.37 19.36 -6.17
CA GLU B 76 4.37 19.33 -6.18
C GLU B 76 4.51 18.35 -7.34
C GLU B 76 4.52 18.39 -7.36
C GLU B 76 4.51 18.34 -7.34
N ILE B 77 3.39 17.93 -7.94
CA ILE B 77 3.38 17.00 -9.09
C ILE B 77 2.88 17.74 -10.32
N TYR B 78 3.67 17.71 -11.40
CA TYR B 78 3.35 18.23 -12.75
C TYR B 78 2.66 17.14 -13.57
N LYS B 79 3.17 15.91 -13.57
CA LYS B 79 2.49 14.74 -14.19
C LYS B 79 2.66 13.50 -13.31
N TYR B 80 1.55 12.86 -12.96
CA TYR B 80 1.53 11.58 -12.24
C TYR B 80 1.88 10.48 -13.24
N PRO B 81 2.85 9.59 -12.94
CA PRO B 81 3.21 8.52 -13.87
C PRO B 81 2.08 7.51 -14.08
N ALA B 82 1.87 7.05 -15.32
CA ALA B 82 0.85 6.02 -15.62
C ALA B 82 1.32 4.66 -15.08
N TRP B 83 0.32 3.82 -14.80
CA TRP B 83 0.41 2.35 -14.63
C TRP B 83 1.44 1.74 -15.60
N GLY B 84 2.46 1.05 -15.08
CA GLY B 84 3.56 0.44 -15.84
C GLY B 84 4.61 1.40 -16.42
N ASP B 85 4.50 2.72 -16.22
CA ASP B 85 5.60 3.67 -16.52
C ASP B 85 6.74 3.47 -15.50
N VAL B 86 7.96 3.83 -15.87
CA VAL B 86 9.15 3.84 -14.97
C VAL B 86 9.35 5.28 -14.51
N VAL B 87 9.40 5.53 -13.21
CA VAL B 87 9.67 6.89 -12.66
C VAL B 87 11.07 6.85 -12.04
N GLU B 88 11.94 7.82 -12.34
CA GLU B 88 13.27 7.87 -11.68
C GLU B 88 13.23 8.94 -10.58
N ILE B 89 13.65 8.58 -9.36
CA ILE B 89 13.64 9.54 -8.20
C ILE B 89 15.06 9.73 -7.69
N GLU B 90 15.50 10.97 -7.61
CA GLU B 90 16.81 11.34 -7.03
C GLU B 90 16.51 12.04 -5.70
N THR B 91 17.33 11.77 -4.69
CA THR B 91 17.12 12.25 -3.30
C THR B 91 18.47 12.57 -2.71
N TRP B 92 18.48 13.52 -1.79
CA TRP B 92 19.66 13.95 -1.03
C TRP B 92 19.18 14.61 0.27
N CYS B 93 20.11 14.80 1.20
CA CYS B 93 19.85 15.47 2.50
C CYS B 93 20.70 16.73 2.63
N GLN B 94 20.35 17.59 3.58
CA GLN B 94 21.13 18.80 3.90
C GLN B 94 20.86 19.13 5.37
N SER B 95 21.90 19.55 6.11
CA SER B 95 21.81 20.13 7.48
C SER B 95 21.28 21.56 7.41
N GLU B 96 20.39 21.96 8.32
CA GLU B 96 19.96 23.38 8.49
C GLU B 96 20.41 23.82 9.89
N GLY B 97 21.72 24.01 10.07
CA GLY B 97 22.38 24.36 11.36
C GLY B 97 21.88 23.48 12.49
N ARG B 98 21.39 24.10 13.57
CA ARG B 98 20.89 23.39 14.78
C ARG B 98 19.38 23.17 14.69
N ILE B 99 18.70 23.72 13.69
CA ILE B 99 17.22 23.65 13.55
C ILE B 99 16.83 22.18 13.36
N GLY B 100 17.47 21.52 12.38
CA GLY B 100 17.08 20.20 11.86
C GLY B 100 17.76 19.85 10.53
N THR B 101 17.18 18.93 9.79
CA THR B 101 17.68 18.48 8.46
C THR B 101 16.53 18.54 7.47
N ARG B 102 16.88 18.51 6.19
CA ARG B 102 15.97 18.51 5.04
C ARG B 102 16.33 17.27 4.20
N ARG B 103 15.31 16.57 3.68
CA ARG B 103 15.50 15.60 2.60
C ARG B 103 14.67 16.17 1.44
N ASP B 104 15.28 16.23 0.26
CA ASP B 104 14.65 16.71 -0.99
C ASP B 104 14.62 15.61 -2.05
N TRP B 105 13.65 15.66 -2.97
CA TRP B 105 13.49 14.67 -4.05
C TRP B 105 13.19 15.38 -5.38
N ILE B 106 13.70 14.83 -6.47
CA ILE B 106 13.26 15.19 -7.84
C ILE B 106 12.77 13.91 -8.50
N LEU B 107 11.55 13.95 -9.05
N LEU B 107 11.56 13.95 -9.06
N LEU B 107 11.56 13.95 -9.06
CA LEU B 107 10.94 12.82 -9.83
CA LEU B 107 10.94 12.82 -9.83
CA LEU B 107 10.93 12.83 -9.83
C LEU B 107 11.08 13.12 -11.32
C LEU B 107 11.08 13.12 -11.32
C LEU B 107 11.08 13.12 -11.33
N LYS B 108 11.53 12.13 -12.10
CA LYS B 108 11.70 12.27 -13.58
C LYS B 108 11.01 11.10 -14.27
N ASP B 109 10.48 11.38 -15.46
CA ASP B 109 10.06 10.37 -16.45
C ASP B 109 11.34 9.71 -16.95
N SER B 110 11.48 8.41 -16.73
CA SER B 110 12.70 7.65 -17.10
C SER B 110 12.95 7.76 -18.60
N VAL B 111 11.89 7.81 -19.42
CA VAL B 111 11.97 7.73 -20.91
C VAL B 111 12.35 9.11 -21.47
N THR B 112 11.73 10.19 -20.99
CA THR B 112 11.94 11.57 -21.51
C THR B 112 13.06 12.29 -20.76
N GLY B 113 13.29 11.96 -19.48
CA GLY B 113 14.25 12.62 -18.58
C GLY B 113 13.75 13.96 -18.04
N GLU B 114 12.50 14.30 -18.37
CA GLU B 114 11.75 15.51 -17.91
C GLU B 114 11.38 15.36 -16.41
N VAL B 115 11.46 16.46 -15.66
CA VAL B 115 10.98 16.54 -14.26
C VAL B 115 9.46 16.51 -14.25
N THR B 116 8.89 15.56 -13.51
CA THR B 116 7.43 15.33 -13.39
C THR B 116 6.98 15.70 -11.97
N GLY B 117 7.92 15.89 -11.04
CA GLY B 117 7.55 16.41 -9.70
C GLY B 117 8.77 16.69 -8.85
N ARG B 118 8.55 17.32 -7.68
N ARG B 118 8.55 17.32 -7.68
N ARG B 118 8.53 17.31 -7.68
CA ARG B 118 9.61 17.57 -6.67
CA ARG B 118 9.61 17.57 -6.67
CA ARG B 118 9.57 17.60 -6.66
C ARG B 118 8.97 17.65 -5.28
C ARG B 118 8.97 17.65 -5.28
C ARG B 118 8.94 17.60 -5.28
N ALA B 119 9.74 17.33 -4.24
CA ALA B 119 9.27 17.32 -2.85
C ALA B 119 10.42 17.67 -1.92
N THR B 120 10.06 18.15 -0.74
CA THR B 120 10.97 18.60 0.30
C THR B 120 10.29 18.23 1.61
N SER B 121 11.07 17.90 2.62
CA SER B 121 10.60 17.51 3.96
C SER B 121 11.56 18.08 4.99
N LYS B 122 11.03 18.55 6.12
CA LYS B 122 11.80 19.04 7.28
C LYS B 122 11.68 18.03 8.43
N TRP B 123 12.79 17.80 9.10
CA TRP B 123 12.99 16.79 10.16
C TRP B 123 13.56 17.51 11.40
N VAL B 124 13.09 17.15 12.60
CA VAL B 124 13.53 17.78 13.88
C VAL B 124 14.02 16.67 14.82
N MET B 125 15.00 16.95 15.67
CA MET B 125 15.55 15.94 16.60
C MET B 125 14.58 15.76 17.78
N MET B 126 14.35 14.52 18.18
CA MET B 126 13.46 14.14 19.30
C MET B 126 14.19 13.09 20.14
N ASN B 127 14.17 13.28 21.46
CA ASN B 127 14.49 12.18 22.40
C ASN B 127 13.41 11.10 22.27
N GLN B 128 13.84 9.87 22.02
CA GLN B 128 12.99 8.70 21.76
C GLN B 128 12.17 8.36 23.02
N ASP B 129 12.73 8.59 24.21
CA ASP B 129 12.17 8.14 25.52
C ASP B 129 11.17 9.20 26.01
N THR B 130 11.59 10.46 26.10
CA THR B 130 10.79 11.59 26.64
C THR B 130 9.87 12.20 25.59
N ARG B 131 10.10 11.95 24.29
CA ARG B 131 9.32 12.54 23.17
C ARG B 131 9.50 14.07 23.14
N ARG B 132 10.60 14.61 23.70
CA ARG B 132 10.90 16.07 23.74
C ARG B 132 11.78 16.45 22.54
N LEU B 133 11.34 17.47 21.78
CA LEU B 133 12.05 18.09 20.61
C LEU B 133 13.33 18.76 21.09
N GLN B 134 14.40 18.78 20.28
CA GLN B 134 15.65 19.50 20.62
C GLN B 134 16.37 19.95 19.35
N LYS B 135 17.48 20.65 19.55
CA LYS B 135 18.36 21.13 18.48
C LYS B 135 19.31 19.99 18.06
N VAL B 136 19.98 20.17 16.93
CA VAL B 136 20.98 19.21 16.39
C VAL B 136 22.34 19.52 17.05
N SER B 137 22.98 18.51 17.64
CA SER B 137 24.34 18.52 18.25
C SER B 137 25.42 18.80 17.21
N ASP B 138 26.56 19.37 17.61
CA ASP B 138 27.78 19.46 16.76
C ASP B 138 28.14 18.09 16.20
N ASP B 139 28.09 17.03 17.01
CA ASP B 139 28.51 15.67 16.57
C ASP B 139 27.57 15.15 15.46
N VAL B 140 26.26 15.43 15.53
CA VAL B 140 25.31 14.97 14.47
C VAL B 140 25.54 15.78 13.18
N ARG B 141 25.78 17.07 13.31
CA ARG B 141 26.05 17.98 12.16
C ARG B 141 27.32 17.51 11.43
N ASP B 142 28.28 16.94 12.15
CA ASP B 142 29.57 16.46 11.55
C ASP B 142 29.29 15.20 10.73
N GLU B 143 28.45 14.28 11.21
CA GLU B 143 28.04 13.03 10.51
C GLU B 143 27.35 13.36 9.17
N TYR B 144 26.61 14.46 9.12
CA TYR B 144 25.81 14.89 7.94
C TYR B 144 26.74 15.54 6.91
N LEU B 145 27.79 16.23 7.35
CA LEU B 145 28.88 16.70 6.46
C LEU B 145 29.44 15.55 5.61
N VAL B 146 29.43 14.31 6.08
CA VAL B 146 30.15 13.28 5.28
C VAL B 146 29.32 12.95 4.03
N PHE B 147 27.98 13.02 4.04
CA PHE B 147 27.16 12.48 2.92
C PHE B 147 26.21 13.52 2.29
N CYS B 148 26.24 14.80 2.67
CA CYS B 148 25.38 15.88 2.11
C CYS B 148 26.25 16.88 1.35
N PRO B 149 25.74 17.47 0.24
CA PRO B 149 26.44 18.58 -0.41
C PRO B 149 26.61 19.73 0.59
N GLN B 150 27.76 20.37 0.55
CA GLN B 150 28.09 21.46 1.52
C GLN B 150 27.64 22.82 0.97
N GLU B 151 27.50 22.97 -0.36
CA GLU B 151 26.80 24.11 -0.99
C GLU B 151 25.31 23.81 -1.01
N PRO B 152 24.42 24.83 -0.93
CA PRO B 152 22.99 24.58 -0.88
C PRO B 152 22.52 23.95 -2.21
N ARG B 153 21.69 22.92 -2.11
CA ARG B 153 20.99 22.25 -3.23
C ARG B 153 19.53 22.11 -2.80
N LEU B 154 18.61 22.84 -3.45
CA LEU B 154 17.17 22.89 -3.06
C LEU B 154 16.30 22.38 -4.20
N ALA B 155 15.38 21.47 -3.90
CA ALA B 155 14.29 21.10 -4.82
C ALA B 155 13.37 22.31 -5.04
N PHE B 156 13.28 23.25 -4.11
CA PHE B 156 12.47 24.48 -4.21
C PHE B 156 13.36 25.69 -3.93
N PRO B 157 14.14 26.14 -4.92
CA PRO B 157 15.07 27.26 -4.72
C PRO B 157 14.39 28.62 -4.48
N GLU B 158 13.30 28.89 -5.21
CA GLU B 158 12.57 30.18 -5.25
C GLU B 158 12.43 30.78 -3.84
N GLU B 159 13.18 31.86 -3.51
CA GLU B 159 13.14 32.59 -2.21
C GLU B 159 11.69 33.08 -1.99
N ASN B 160 11.05 32.62 -0.90
CA ASN B 160 9.61 32.83 -0.54
C ASN B 160 8.69 31.94 -1.40
N ASN B 161 8.91 30.61 -1.42
CA ASN B 161 8.08 29.64 -2.19
C ASN B 161 7.05 28.97 -1.26
N ARG B 162 6.06 28.29 -1.85
CA ARG B 162 4.93 27.63 -1.14
C ARG B 162 5.45 26.70 -0.03
N SER B 163 6.50 25.91 -0.31
CA SER B 163 7.03 24.87 0.62
C SER B 163 7.41 25.47 1.98
N LEU B 164 7.54 26.80 2.10
CA LEU B 164 7.88 27.50 3.37
C LEU B 164 6.73 28.40 3.90
N LYS B 165 5.52 28.29 3.35
CA LYS B 165 4.35 29.12 3.78
C LYS B 165 3.84 28.62 5.15
N LYS B 166 3.60 29.55 6.08
CA LYS B 166 2.87 29.34 7.37
C LYS B 166 1.43 28.93 7.06
N ILE B 167 0.92 27.89 7.73
CA ILE B 167 -0.46 27.35 7.52
C ILE B 167 -1.33 27.72 8.72
N PRO B 168 -2.49 28.37 8.50
CA PRO B 168 -3.39 28.73 9.60
C PRO B 168 -4.17 27.54 10.15
N LYS B 169 -4.78 27.68 11.33
CA LYS B 169 -5.62 26.60 11.92
C LYS B 169 -7.06 26.79 11.42
N LEU B 170 -7.64 25.74 10.83
CA LEU B 170 -9.04 25.73 10.34
C LEU B 170 -9.99 26.09 11.49
N GLU B 171 -10.99 26.94 11.25
CA GLU B 171 -11.99 27.35 12.27
C GLU B 171 -13.30 26.58 12.06
N ASP B 172 -13.83 26.00 13.14
CA ASP B 172 -15.18 25.37 13.15
C ASP B 172 -16.22 26.45 12.86
N PRO B 173 -17.29 26.14 12.11
CA PRO B 173 -17.43 24.82 11.46
C PRO B 173 -16.63 24.61 10.16
N ALA B 174 -16.12 23.40 9.93
CA ALA B 174 -15.50 22.98 8.65
C ALA B 174 -16.58 22.88 7.56
N GLN B 175 -16.19 23.14 6.31
CA GLN B 175 -17.10 22.98 5.15
C GLN B 175 -17.37 21.49 4.91
N TYR B 176 -16.35 20.64 5.03
CA TYR B 176 -16.42 19.18 4.81
C TYR B 176 -15.72 18.44 5.96
N SER B 177 -16.15 17.20 6.24
CA SER B 177 -15.56 16.37 7.33
C SER B 177 -15.68 14.88 6.97
N MET B 178 -14.71 14.08 7.42
CA MET B 178 -14.82 12.60 7.46
C MET B 178 -14.40 12.18 8.86
N ILE B 179 -15.28 11.52 9.60
CA ILE B 179 -15.05 11.29 11.05
C ILE B 179 -14.83 9.81 11.32
N GLY B 180 -14.26 9.49 12.48
CA GLY B 180 -14.06 8.10 12.95
C GLY B 180 -13.02 7.36 12.11
N LEU B 181 -12.06 8.04 11.46
CA LEU B 181 -10.89 7.39 10.80
C LEU B 181 -9.98 6.71 11.85
N LYS B 182 -9.62 5.44 11.61
CA LYS B 182 -8.77 4.60 12.51
C LYS B 182 -7.70 3.92 11.68
N PRO B 183 -6.44 3.84 12.16
CA PRO B 183 -5.41 3.05 11.49
C PRO B 183 -5.64 1.53 11.66
N ARG B 184 -5.36 0.74 10.63
CA ARG B 184 -5.28 -0.75 10.74
C ARG B 184 -3.79 -1.13 10.67
N ARG B 185 -3.46 -2.41 10.75
CA ARG B 185 -2.04 -2.86 10.83
C ARG B 185 -1.27 -2.47 9.56
N ALA B 186 -1.90 -2.51 8.37
CA ALA B 186 -1.27 -2.07 7.10
C ALA B 186 -0.84 -0.60 7.17
N ASP B 187 -1.43 0.21 8.06
CA ASP B 187 -1.10 1.65 8.24
C ASP B 187 0.13 1.85 9.12
N LEU B 188 0.62 0.83 9.82
CA LEU B 188 1.78 0.95 10.73
C LEU B 188 3.08 0.60 9.99
N ASP B 189 4.19 1.19 10.43
CA ASP B 189 5.56 0.82 9.98
C ASP B 189 6.06 -0.34 10.84
N MET B 190 7.29 -0.76 10.57
CA MET B 190 7.91 -1.94 11.23
C MET B 190 8.10 -1.67 12.73
N ASN B 191 8.00 -0.42 13.21
CA ASN B 191 8.15 -0.11 14.66
C ASN B 191 6.78 0.17 15.30
N GLN B 192 5.68 -0.06 14.57
CA GLN B 192 4.27 0.01 15.06
C GLN B 192 3.86 1.46 15.30
N HIS B 193 4.52 2.39 14.61
CA HIS B 193 4.08 3.80 14.47
C HIS B 193 3.28 3.91 13.19
N VAL B 194 2.28 4.79 13.21
CA VAL B 194 1.45 5.09 12.01
C VAL B 194 2.37 5.67 10.94
N ASN B 195 2.39 5.10 9.74
CA ASN B 195 3.18 5.56 8.56
C ASN B 195 2.79 7.01 8.25
N ASN B 196 3.79 7.88 8.06
CA ASN B 196 3.55 9.31 7.76
C ASN B 196 2.61 9.48 6.55
N VAL B 197 2.59 8.50 5.64
CA VAL B 197 1.80 8.57 4.38
C VAL B 197 0.32 8.44 4.71
N THR B 198 -0.01 7.68 5.74
CA THR B 198 -1.41 7.46 6.17
C THR B 198 -2.05 8.84 6.37
N TYR B 199 -1.34 9.77 6.99
CA TYR B 199 -1.91 11.08 7.41
C TYR B 199 -2.31 11.86 6.15
N ILE B 200 -1.53 11.68 5.08
CA ILE B 200 -1.85 12.26 3.74
C ILE B 200 -3.21 11.71 3.30
N GLY B 201 -3.44 10.41 3.39
CA GLY B 201 -4.70 9.79 2.93
C GLY B 201 -5.90 10.30 3.72
N TRP B 202 -5.74 10.38 5.04
CA TRP B 202 -6.76 10.96 5.98
C TRP B 202 -7.10 12.40 5.58
N VAL B 203 -6.09 13.22 5.26
CA VAL B 203 -6.36 14.63 4.86
C VAL B 203 -7.27 14.63 3.63
N LEU B 204 -6.95 13.78 2.64
CA LEU B 204 -7.63 13.77 1.34
C LEU B 204 -9.03 13.18 1.47
N GLU B 205 -9.32 12.44 2.55
CA GLU B 205 -10.62 11.76 2.73
C GLU B 205 -11.73 12.81 2.83
N SER B 206 -11.45 14.01 3.34
CA SER B 206 -12.49 15.05 3.54
C SER B 206 -12.67 15.95 2.29
N ILE B 207 -11.95 15.69 1.20
CA ILE B 207 -12.13 16.38 -0.12
C ILE B 207 -13.32 15.72 -0.79
N PRO B 208 -14.31 16.47 -1.31
CA PRO B 208 -15.45 15.86 -2.00
C PRO B 208 -15.01 14.99 -3.18
N GLN B 209 -15.72 13.88 -3.42
CA GLN B 209 -15.41 12.96 -4.55
C GLN B 209 -15.53 13.74 -5.88
N GLU B 210 -16.47 14.68 -5.96
CA GLU B 210 -16.65 15.58 -7.14
C GLU B 210 -15.32 16.27 -7.49
N ILE B 211 -14.55 16.79 -6.51
CA ILE B 211 -13.26 17.48 -6.76
C ILE B 211 -12.28 16.48 -7.36
N VAL B 212 -12.11 15.35 -6.70
CA VAL B 212 -11.10 14.32 -7.08
C VAL B 212 -11.40 13.85 -8.50
N ASP B 213 -12.68 13.75 -8.87
CA ASP B 213 -13.16 13.30 -10.20
C ASP B 213 -12.86 14.33 -11.29
N THR B 214 -12.86 15.63 -10.99
CA THR B 214 -12.78 16.71 -12.02
C THR B 214 -11.47 17.51 -11.90
N HIS B 215 -10.64 17.27 -10.88
CA HIS B 215 -9.35 18.00 -10.70
C HIS B 215 -8.18 17.03 -10.50
N GLU B 216 -6.97 17.48 -10.78
CA GLU B 216 -5.69 16.81 -10.38
C GLU B 216 -5.10 17.57 -9.21
N LEU B 217 -4.60 16.88 -8.19
CA LEU B 217 -3.80 17.50 -7.09
C LEU B 217 -2.45 17.98 -7.63
N GLN B 218 -2.14 19.26 -7.49
CA GLN B 218 -0.88 19.88 -7.95
C GLN B 218 0.08 20.03 -6.76
N VAL B 219 -0.39 20.47 -5.60
CA VAL B 219 0.50 20.76 -4.45
C VAL B 219 -0.20 20.28 -3.18
N ILE B 220 0.55 19.68 -2.27
CA ILE B 220 0.09 19.39 -0.89
C ILE B 220 1.21 19.79 0.09
N THR B 221 0.87 20.54 1.13
CA THR B 221 1.76 20.95 2.23
C THR B 221 1.14 20.44 3.52
N LEU B 222 1.82 19.55 4.22
CA LEU B 222 1.31 18.95 5.47
C LEU B 222 2.29 19.20 6.64
N ASP B 223 1.86 19.90 7.69
CA ASP B 223 2.57 19.99 9.00
C ASP B 223 2.17 18.81 9.90
N TYR B 224 3.15 18.25 10.59
CA TYR B 224 2.98 17.12 11.54
C TYR B 224 3.16 17.68 12.96
N ARG B 225 2.12 17.61 13.79
CA ARG B 225 2.17 18.27 15.11
C ARG B 225 2.38 17.22 16.20
N ARG B 226 1.79 16.04 16.05
CA ARG B 226 1.64 15.02 17.10
C ARG B 226 1.28 13.74 16.36
N GLU B 227 1.74 12.60 16.86
CA GLU B 227 1.51 11.28 16.24
C GLU B 227 0.10 10.79 16.56
N CYS B 228 -0.57 10.15 15.62
CA CYS B 228 -1.73 9.29 15.91
C CYS B 228 -1.19 7.96 16.46
N GLN B 229 -1.66 7.56 17.63
CA GLN B 229 -1.33 6.22 18.22
C GLN B 229 -2.24 5.18 17.57
N GLN B 230 -1.83 3.91 17.66
CA GLN B 230 -2.53 2.74 17.06
C GLN B 230 -4.02 2.73 17.48
N ASP B 231 -4.35 3.13 18.70
CA ASP B 231 -5.73 3.03 19.26
C ASP B 231 -6.44 4.41 19.27
N ASP B 232 -5.90 5.39 18.55
CA ASP B 232 -6.50 6.75 18.42
C ASP B 232 -7.53 6.73 17.28
N VAL B 233 -8.45 7.68 17.29
CA VAL B 233 -9.46 7.90 16.21
C VAL B 233 -9.36 9.37 15.76
N VAL B 234 -9.42 9.61 14.44
CA VAL B 234 -9.08 10.92 13.81
C VAL B 234 -10.29 11.44 13.04
N ASP B 235 -10.53 12.76 13.14
CA ASP B 235 -11.48 13.51 12.28
C ASP B 235 -10.67 14.34 11.27
N SER B 236 -11.07 14.27 10.01
CA SER B 236 -10.42 14.99 8.89
C SER B 236 -11.36 16.12 8.47
N LEU B 237 -10.91 17.37 8.55
CA LEU B 237 -11.77 18.55 8.27
C LEU B 237 -11.13 19.32 7.11
N THR B 238 -11.95 19.85 6.20
CA THR B 238 -11.53 20.59 5.00
C THR B 238 -12.47 21.78 4.78
N THR B 239 -11.93 22.95 4.44
CA THR B 239 -12.69 24.16 4.05
C THR B 239 -12.05 24.76 2.77
N THR B 240 -12.88 25.10 1.78
CA THR B 240 -12.44 25.75 0.53
C THR B 240 -11.94 27.16 0.90
N THR B 241 -10.74 27.53 0.47
CA THR B 241 -10.21 28.91 0.63
C THR B 241 -10.15 29.61 -0.74
N SER B 242 -10.43 28.94 -1.84
CA SER B 242 -10.41 29.60 -3.18
C SER B 242 -11.82 30.10 -3.54
N ASP B 260 -8.21 27.21 -10.43
CA ASP B 260 -7.58 26.36 -9.39
C ASP B 260 -8.49 26.34 -8.16
N SER B 261 -8.66 25.17 -7.53
CA SER B 261 -9.29 25.01 -6.19
C SER B 261 -8.18 24.87 -5.15
N GLN B 262 -8.31 25.57 -4.01
CA GLN B 262 -7.41 25.54 -2.83
C GLN B 262 -8.21 25.20 -1.57
N PHE B 263 -7.64 24.39 -0.66
CA PHE B 263 -8.29 23.94 0.59
C PHE B 263 -7.34 24.06 1.77
N LEU B 264 -7.94 24.30 2.94
CA LEU B 264 -7.27 24.24 4.26
C LEU B 264 -7.73 22.94 4.94
N HIS B 265 -6.80 22.24 5.61
CA HIS B 265 -7.01 20.90 6.20
C HIS B 265 -6.68 20.93 7.69
N LEU B 266 -7.44 20.17 8.48
CA LEU B 266 -7.10 19.85 9.89
C LEU B 266 -7.41 18.38 10.19
N LEU B 267 -6.45 17.64 10.77
CA LEU B 267 -6.69 16.33 11.44
C LEU B 267 -6.65 16.57 12.96
N ARG B 268 -7.65 16.08 13.67
CA ARG B 268 -7.68 16.16 15.15
C ARG B 268 -8.25 14.86 15.69
N LEU B 269 -7.92 14.54 16.92
CA LEU B 269 -8.44 13.34 17.61
C LEU B 269 -9.96 13.50 17.84
N SER B 270 -10.72 12.45 17.53
CA SER B 270 -12.21 12.43 17.45
C SER B 270 -12.82 12.86 18.79
N GLY B 271 -12.16 12.52 19.89
CA GLY B 271 -12.63 12.80 21.26
C GLY B 271 -12.35 14.24 21.66
N ASP B 272 -11.12 14.52 22.08
CA ASP B 272 -10.76 15.81 22.74
C ASP B 272 -10.37 16.89 21.70
N GLY B 273 -10.30 16.58 20.39
CA GLY B 273 -10.03 17.60 19.36
C GLY B 273 -8.59 18.11 19.32
N GLN B 274 -7.66 17.39 19.95
CA GLN B 274 -6.18 17.59 19.85
C GLN B 274 -5.73 17.58 18.37
N GLU B 275 -5.10 18.66 17.90
CA GLU B 275 -4.56 18.76 16.52
C GLU B 275 -3.46 17.71 16.32
N ILE B 276 -3.54 16.87 15.30
CA ILE B 276 -2.39 16.00 14.90
C ILE B 276 -1.68 16.57 13.65
N ASN B 277 -2.38 17.15 12.66
CA ASN B 277 -1.76 17.72 11.43
C ASN B 277 -2.57 18.92 10.95
N ARG B 278 -1.95 19.85 10.22
CA ARG B 278 -2.69 20.84 9.39
C ARG B 278 -2.01 20.89 8.01
N GLY B 279 -2.74 21.34 6.99
CA GLY B 279 -2.15 21.43 5.65
C GLY B 279 -2.99 22.21 4.67
N THR B 280 -2.49 22.33 3.44
CA THR B 280 -3.18 22.97 2.29
C THR B 280 -2.97 22.05 1.09
N THR B 281 -3.93 22.09 0.17
CA THR B 281 -3.85 21.42 -1.15
C THR B 281 -4.26 22.46 -2.20
N LEU B 282 -3.68 22.37 -3.39
CA LEU B 282 -4.02 23.16 -4.58
C LEU B 282 -4.32 22.17 -5.72
N TRP B 283 -5.45 22.33 -6.40
CA TRP B 283 -5.94 21.38 -7.41
C TRP B 283 -6.16 22.15 -8.72
N ARG B 284 -5.78 21.56 -9.84
CA ARG B 284 -5.99 22.11 -11.21
C ARG B 284 -7.10 21.30 -11.87
N LYS B 285 -8.13 21.96 -12.42
CA LYS B 285 -9.13 21.34 -13.33
C LYS B 285 -8.41 20.57 -14.46
N LYS B 286 -8.89 19.37 -14.80
CA LYS B 286 -8.24 18.41 -15.75
C LYS B 286 -8.23 18.96 -17.18
N1 A1BMS C . -6.67 -10.96 -13.77
C4 A1BMS C . -6.86 -10.66 -12.35
C5 A1BMS C . -7.82 -9.50 -12.19
C6 A1BMS C . -7.42 -11.90 -11.59
C7 A1BMS C . -6.30 -12.73 -10.98
C8 A1BMS C . -5.53 -10.32 -11.64
C1 A1BMS C . -5.78 -14.02 -17.36
C2 A1BMS C . -6.46 -12.51 -15.62
C3 A1BMS C . -6.04 -12.04 -14.26
O1 A1BMS C . -5.41 -13.18 -16.28
O2 A1BMS C . -5.10 -12.59 -13.70
O3 A1BMS C . -5.83 -10.95 -9.10
O4 A1BMS C . -3.91 -11.92 -10.30
S1 A1BMS C . -5.27 -11.45 -10.32
S SO4 D . 6.67 -10.98 -22.21
O1 SO4 D . 5.86 -10.42 -21.17
O2 SO4 D . 6.81 -12.40 -22.00
O3 SO4 D . 6.02 -10.77 -23.49
O4 SO4 D . 7.97 -10.35 -22.21
S SO4 E . -8.23 -15.50 -13.94
O1 SO4 E . -8.35 -16.83 -13.38
O2 SO4 E . -7.78 -15.57 -15.29
O3 SO4 E . -9.53 -14.84 -13.89
O4 SO4 E . -7.30 -14.78 -13.14
S SO4 F . -21.80 -8.33 -5.26
O1 SO4 F . -22.70 -9.44 -5.10
O2 SO4 F . -20.47 -8.81 -5.56
O3 SO4 F . -22.26 -7.51 -6.34
O4 SO4 F . -21.76 -7.56 -4.05
N1 A1BMS G . 15.43 8.41 7.01
C4 A1BMS G . 13.96 8.48 6.91
C5 A1BMS G . 13.33 7.68 8.03
C6 A1BMS G . 13.48 9.95 6.99
C7 A1BMS G . 13.42 10.57 5.61
C8 A1BMS G . 13.44 7.95 5.55
C1 A1BMS G . 19.94 9.70 6.21
C2 A1BMS G . 17.66 9.32 6.80
C3 A1BMS G . 16.30 9.05 6.22
O1 A1BMS G . 18.58 9.68 5.80
O2 A1BMS G . 16.06 9.38 5.06
O3 A1BMS G . 11.22 9.27 5.02
O4 A1BMS G . 13.00 9.35 3.33
S1 A1BMS G . 12.62 9.28 4.72
S SO4 H . 16.88 12.95 7.18
O1 SO4 H . 16.27 12.18 6.14
O2 SO4 H . 18.26 12.55 7.33
O3 SO4 H . 16.81 14.35 6.81
O4 SO4 H . 16.18 12.74 8.43
S SO4 I . 4.38 13.08 19.60
O1 SO4 I . 3.01 12.66 19.55
O2 SO4 I . 5.09 12.27 20.55
O3 SO4 I . 4.98 12.95 18.30
O4 SO4 I . 4.45 14.45 20.02
S SO4 J . 25.36 2.10 -3.56
O1 SO4 J . 24.13 2.37 -2.86
O2 SO4 J . 25.20 0.97 -4.45
O3 SO4 J . 25.76 3.26 -4.33
O4 SO4 J . 26.39 1.79 -2.58
#